data_5GO4
#
_entry.id   5GO4
#
_cell.length_a   51.799
_cell.length_b   110.876
_cell.length_c   112.400
_cell.angle_alpha   90.00
_cell.angle_beta   90.00
_cell.angle_gamma   90.00
#
_symmetry.space_group_name_H-M   'P 21 21 21'
#
loop_
_entity.id
_entity.type
_entity.pdbx_description
1 polymer Mitofusin-1
2 water water
#
_entity_poly.entity_id   1
_entity_poly.type   'polypeptide(L)'
_entity_poly.pdbx_seq_one_letter_code
;GPHMGGSMAEPVSPLKHFVLAKKAITAIFDQLLEFVTEGSHFVEATYKNPELDRIATEDDLVEMQGYKDKLSIIGEVLSR
RHMKVAFFGRTSSGKSSVINAMLWDKVLPSGIGHITNCFLSVEGTDGDKAYLMTEGSDEKKSVKTVNQLAHALHMDKDLK
AGCLVRVFWPKAKCALLRDDLVLVDSPGTDVTTELDSWIDKFCLDADVFVLVANSESTLMNTEKHFFHKVNERLSKPNIF
ILNNRWDASASEPEYMEDVRRQHMERCLHFLVEELKVVNALEAQNRIFFVSAKEVLSARKQKAQGMPESGVALAEGFHAR
LQEFQNFEQIFEECISQSAVKTKFEQHTIRAKQILATVKNIMDSVNLAAEDKSAASAASAASAASAAARLPKEIDQLEKI
QNNSKLLRNKAVQLENELENFTKQFLPSSNEES
;
_entity_poly.pdbx_strand_id   A
#
# COMPACT_ATOMS: atom_id res chain seq x y z
N PRO A 11 -11.10 -15.37 10.58
CA PRO A 11 -11.72 -15.82 9.33
C PRO A 11 -11.67 -14.78 8.21
N VAL A 12 -11.23 -13.56 8.53
CA VAL A 12 -11.21 -12.47 7.58
C VAL A 12 -9.83 -12.39 6.90
N SER A 13 -9.79 -11.78 5.72
CA SER A 13 -8.55 -11.64 5.00
C SER A 13 -7.57 -10.77 5.77
N PRO A 14 -6.29 -11.16 5.86
CA PRO A 14 -5.29 -10.26 6.46
C PRO A 14 -5.18 -8.91 5.76
N LEU A 15 -5.51 -8.83 4.47
CA LEU A 15 -5.49 -7.55 3.77
C LEU A 15 -6.41 -6.53 4.41
N LYS A 16 -7.42 -6.98 5.15
CA LYS A 16 -8.30 -6.04 5.84
C LYS A 16 -7.56 -5.23 6.88
N HIS A 17 -6.43 -5.73 7.39
CA HIS A 17 -5.62 -4.95 8.30
C HIS A 17 -5.14 -3.65 7.64
N PHE A 18 -4.74 -3.74 6.38
CA PHE A 18 -4.32 -2.55 5.66
C PHE A 18 -5.51 -1.64 5.38
N VAL A 19 -6.63 -2.20 4.95
CA VAL A 19 -7.83 -1.39 4.70
C VAL A 19 -8.23 -0.64 5.96
N LEU A 20 -8.20 -1.33 7.11
CA LEU A 20 -8.59 -0.72 8.37
C LEU A 20 -7.61 0.36 8.80
N ALA A 21 -6.31 0.11 8.67
CA ALA A 21 -5.32 1.14 8.97
C ALA A 21 -5.55 2.38 8.10
N LYS A 22 -5.75 2.18 6.81
CA LYS A 22 -5.93 3.31 5.91
C LYS A 22 -7.18 4.10 6.27
N LYS A 23 -8.26 3.39 6.58
CA LYS A 23 -9.49 4.05 7.02
C LYS A 23 -9.27 4.85 8.30
N ALA A 24 -8.52 4.29 9.26
CA ALA A 24 -8.30 4.98 10.53
C ALA A 24 -7.41 6.21 10.36
N ILE A 25 -6.30 6.10 9.62
CA ILE A 25 -5.44 7.27 9.48
C ILE A 25 -6.14 8.32 8.64
N THR A 26 -7.00 7.89 7.71
CA THR A 26 -7.74 8.82 6.87
C THR A 26 -8.79 9.57 7.68
N ALA A 27 -9.50 8.86 8.57
CA ALA A 27 -10.42 9.51 9.49
C ALA A 27 -9.69 10.54 10.37
N ILE A 28 -8.50 10.19 10.84
CA ILE A 28 -7.75 11.14 11.67
C ILE A 28 -7.40 12.38 10.88
N PHE A 29 -6.97 12.21 9.62
CA PHE A 29 -6.60 13.36 8.82
C PHE A 29 -7.81 14.21 8.45
N ASP A 30 -9.00 13.59 8.33
CA ASP A 30 -10.22 14.40 8.18
C ASP A 30 -10.45 15.27 9.42
N GLN A 31 -10.30 14.70 10.61
CA GLN A 31 -10.47 15.48 11.82
C GLN A 31 -9.40 16.55 11.94
N LEU A 32 -8.17 16.23 11.53
CA LEU A 32 -7.09 17.22 11.59
C LEU A 32 -7.40 18.41 10.71
N LEU A 33 -7.84 18.16 9.48
CA LEU A 33 -8.19 19.23 8.58
C LEU A 33 -9.32 20.09 9.14
N GLU A 34 -10.35 19.45 9.71
CA GLU A 34 -11.48 20.19 10.26
C GLU A 34 -11.03 21.03 11.45
N PHE A 35 -10.22 20.46 12.33
CA PHE A 35 -9.68 21.20 13.46
C PHE A 35 -8.86 22.40 13.02
N VAL A 36 -7.92 22.18 12.09
CA VAL A 36 -7.06 23.27 11.66
C VAL A 36 -7.84 24.30 10.86
N THR A 37 -8.88 23.87 10.14
CA THR A 37 -9.73 24.83 9.44
C THR A 37 -10.44 25.72 10.45
N GLU A 38 -10.99 25.13 11.51
CA GLU A 38 -11.63 25.96 12.53
C GLU A 38 -10.60 26.87 13.19
N GLY A 39 -9.40 26.38 13.46
CA GLY A 39 -8.40 27.21 14.12
C GLY A 39 -7.88 28.32 13.23
N SER A 40 -7.81 28.06 11.93
CA SER A 40 -7.44 29.09 10.98
C SER A 40 -8.47 30.22 10.95
N HIS A 41 -9.76 29.88 10.99
CA HIS A 41 -10.80 30.92 11.04
C HIS A 41 -10.70 31.75 12.32
N PHE A 42 -10.40 31.09 13.43
CA PHE A 42 -10.26 31.77 14.71
C PHE A 42 -9.05 32.72 14.70
N VAL A 43 -7.90 32.22 14.26
CA VAL A 43 -6.71 33.06 14.22
C VAL A 43 -6.94 34.27 13.32
N GLU A 44 -7.65 34.06 12.20
CA GLU A 44 -7.84 35.17 11.27
C GLU A 44 -8.80 36.21 11.81
N ALA A 45 -9.92 35.78 12.41
CA ALA A 45 -10.82 36.72 13.06
C ALA A 45 -10.11 37.47 14.17
N THR A 46 -9.31 36.77 14.98
CA THR A 46 -8.52 37.44 16.02
C THR A 46 -7.58 38.47 15.40
N TYR A 47 -6.93 38.12 14.29
CA TYR A 47 -5.96 38.99 13.64
C TYR A 47 -6.61 40.27 13.13
N LYS A 48 -7.80 40.15 12.53
CA LYS A 48 -8.51 41.28 11.95
C LYS A 48 -9.25 42.15 12.96
N ASN A 49 -9.38 41.72 14.19
CA ASN A 49 -10.24 42.42 15.16
C ASN A 49 -9.63 43.77 15.52
N PRO A 50 -10.25 44.90 15.14
CA PRO A 50 -9.64 46.20 15.43
C PRO A 50 -9.40 46.46 16.91
N GLU A 51 -10.33 46.03 17.77
CA GLU A 51 -10.16 46.28 19.21
C GLU A 51 -8.99 45.48 19.76
N LEU A 52 -8.82 44.24 19.32
CA LEU A 52 -7.65 43.47 19.69
C LEU A 52 -6.45 43.95 18.89
N ASP A 53 -5.27 43.68 19.42
CA ASP A 53 -4.06 44.15 18.78
C ASP A 53 -2.92 43.25 19.22
N ARG A 54 -2.19 42.71 18.26
CA ARG A 54 -0.99 41.92 18.53
C ARG A 54 -1.26 40.70 19.42
N ILE A 55 -2.43 40.08 19.27
CA ILE A 55 -2.74 38.82 19.92
C ILE A 55 -2.50 37.64 18.97
N ALA A 56 -3.02 37.73 17.76
CA ALA A 56 -2.60 36.89 16.64
C ALA A 56 -1.77 37.70 15.67
N THR A 57 -0.82 37.05 15.00
CA THR A 57 0.05 37.72 14.05
C THR A 57 -0.19 37.21 12.63
N GLU A 58 0.37 37.97 11.68
CA GLU A 58 0.34 37.53 10.28
C GLU A 58 1.02 36.19 10.12
N ASP A 59 2.15 35.98 10.81
CA ASP A 59 2.81 34.68 10.73
C ASP A 59 1.90 33.58 11.26
N ASP A 60 1.21 33.80 12.39
CA ASP A 60 0.20 32.84 12.85
C ASP A 60 -0.79 32.53 11.73
N LEU A 61 -1.30 33.57 11.08
CA LEU A 61 -2.33 33.37 10.07
C LEU A 61 -1.78 32.60 8.87
N VAL A 62 -0.56 32.91 8.44
CA VAL A 62 0.00 32.23 7.29
C VAL A 62 0.36 30.79 7.63
N GLU A 63 0.90 30.55 8.83
CA GLU A 63 1.19 29.18 9.23
C GLU A 63 -0.08 28.34 9.25
N MET A 64 -1.16 28.86 9.82
CA MET A 64 -2.40 28.11 9.95
C MET A 64 -2.98 27.78 8.57
N GLN A 65 -3.02 28.77 7.67
CA GLN A 65 -3.48 28.52 6.31
C GLN A 65 -2.58 27.51 5.61
N GLY A 66 -1.27 27.58 5.87
CA GLY A 66 -0.37 26.59 5.31
C GLY A 66 -0.67 25.18 5.79
N TYR A 67 -0.95 25.02 7.10
CA TYR A 67 -1.23 23.67 7.60
C TYR A 67 -2.54 23.15 7.04
N LYS A 68 -3.52 24.04 6.89
CA LYS A 68 -4.78 23.63 6.26
C LYS A 68 -4.53 23.09 4.85
N ASP A 69 -3.69 23.77 4.06
CA ASP A 69 -3.42 23.28 2.71
C ASP A 69 -2.59 21.99 2.74
N LYS A 70 -1.59 21.91 3.61
CA LYS A 70 -0.76 20.71 3.69
C LYS A 70 -1.59 19.49 4.09
N LEU A 71 -2.46 19.64 5.10
CA LEU A 71 -3.30 18.54 5.55
C LEU A 71 -4.21 18.05 4.42
N SER A 72 -4.74 18.97 3.63
CA SER A 72 -5.60 18.59 2.52
C SER A 72 -4.81 17.86 1.44
N ILE A 73 -3.58 18.29 1.17
CA ILE A 73 -2.76 17.62 0.17
C ILE A 73 -2.33 16.25 0.66
N ILE A 74 -1.85 16.19 1.91
CA ILE A 74 -1.45 14.91 2.51
C ILE A 74 -2.64 13.95 2.55
N GLY A 75 -3.81 14.47 2.92
CA GLY A 75 -5.00 13.64 2.93
C GLY A 75 -5.25 12.96 1.58
N GLU A 76 -5.00 13.67 0.49
CA GLU A 76 -5.25 13.07 -0.81
C GLU A 76 -4.15 12.06 -1.16
N VAL A 77 -2.91 12.33 -0.75
CA VAL A 77 -1.85 11.33 -0.90
C VAL A 77 -2.22 10.05 -0.16
N LEU A 78 -2.72 10.18 1.06
CA LEU A 78 -3.08 9.02 1.87
C LEU A 78 -4.12 8.15 1.19
N SER A 79 -5.14 8.78 0.62
CA SER A 79 -6.23 8.08 -0.04
C SER A 79 -5.78 7.21 -1.22
N ARG A 80 -4.53 7.34 -1.67
CA ARG A 80 -4.04 6.55 -2.77
C ARG A 80 -2.96 5.54 -2.37
N ARG A 81 -2.58 5.52 -1.09
CA ARG A 81 -1.66 4.50 -0.61
C ARG A 81 -2.25 3.12 -0.82
N HIS A 82 -1.39 2.18 -1.18
CA HIS A 82 -1.82 0.84 -1.53
C HIS A 82 -0.66 -0.12 -1.27
N MET A 83 -0.98 -1.41 -1.34
CA MET A 83 0.00 -2.46 -1.22
C MET A 83 0.41 -2.89 -2.62
N LYS A 84 1.69 -3.25 -2.78
CA LYS A 84 2.19 -3.68 -4.09
C LYS A 84 3.06 -4.91 -3.95
N VAL A 85 2.74 -5.95 -4.72
CA VAL A 85 3.56 -7.14 -4.82
C VAL A 85 4.05 -7.24 -6.26
N ALA A 86 5.33 -7.55 -6.43
CA ALA A 86 5.94 -7.70 -7.75
C ALA A 86 6.42 -9.15 -7.92
N PHE A 87 6.11 -9.75 -9.07
CA PHE A 87 6.46 -11.13 -9.37
C PHE A 87 7.57 -11.17 -10.41
N PHE A 88 8.51 -12.09 -10.23
CA PHE A 88 9.69 -12.21 -11.06
C PHE A 88 9.93 -13.66 -11.39
N GLY A 89 10.45 -13.91 -12.59
CA GLY A 89 10.84 -15.26 -12.99
C GLY A 89 10.77 -15.41 -14.49
N ARG A 90 11.06 -16.63 -14.93
CA ARG A 90 10.97 -16.94 -16.35
C ARG A 90 9.51 -16.94 -16.77
N THR A 91 9.27 -16.62 -18.04
CA THR A 91 7.93 -16.74 -18.61
C THR A 91 7.38 -18.14 -18.41
N SER A 92 8.19 -19.17 -18.69
CA SER A 92 7.75 -20.56 -18.53
C SER A 92 7.53 -20.97 -17.08
N SER A 93 7.76 -20.09 -16.10
CA SER A 93 7.49 -20.44 -14.70
C SER A 93 6.01 -20.28 -14.33
N GLY A 94 5.24 -19.54 -15.10
CA GLY A 94 3.82 -19.41 -14.85
C GLY A 94 3.41 -18.27 -13.95
N LYS A 95 4.26 -17.26 -13.77
CA LYS A 95 3.94 -16.25 -12.78
C LYS A 95 2.67 -15.48 -13.16
N SER A 96 2.38 -15.37 -14.46
CA SER A 96 1.12 -14.72 -14.87
C SER A 96 -0.08 -15.48 -14.31
N SER A 97 -0.01 -16.82 -14.37
CA SER A 97 -1.07 -17.68 -13.87
C SER A 97 -1.13 -17.67 -12.35
N VAL A 98 -0.01 -17.46 -11.66
CA VAL A 98 -0.06 -17.24 -10.22
C VAL A 98 -0.90 -16.01 -9.90
N ILE A 99 -0.65 -14.92 -10.62
CA ILE A 99 -1.39 -13.67 -10.43
C ILE A 99 -2.87 -13.88 -10.71
N ASN A 100 -3.17 -14.50 -11.85
CA ASN A 100 -4.56 -14.76 -12.21
C ASN A 100 -5.26 -15.65 -11.20
N ALA A 101 -4.59 -16.72 -10.73
CA ALA A 101 -5.24 -17.58 -9.73
C ALA A 101 -5.57 -16.79 -8.48
N MET A 102 -4.66 -15.89 -8.08
CA MET A 102 -4.92 -15.05 -6.92
C MET A 102 -6.07 -14.08 -7.14
N LEU A 103 -6.27 -13.62 -8.39
CA LEU A 103 -7.37 -12.73 -8.72
C LEU A 103 -8.69 -13.45 -8.91
N TRP A 104 -8.68 -14.79 -8.94
CA TRP A 104 -9.84 -15.63 -9.24
C TRP A 104 -10.34 -15.47 -10.68
N ASP A 105 -9.54 -14.91 -11.58
CA ASP A 105 -9.93 -14.77 -12.98
C ASP A 105 -8.71 -14.53 -13.84
N LYS A 106 -8.83 -14.89 -15.11
CA LYS A 106 -7.75 -14.67 -16.07
C LYS A 106 -7.81 -13.18 -16.44
N VAL A 107 -6.95 -12.39 -15.80
CA VAL A 107 -6.84 -10.97 -16.09
C VAL A 107 -5.63 -10.70 -16.96
N LEU A 108 -4.48 -11.23 -16.58
CA LEU A 108 -3.28 -11.13 -17.40
C LEU A 108 -3.36 -12.11 -18.57
N PRO A 109 -3.21 -11.65 -19.81
CA PRO A 109 -3.26 -12.57 -20.93
C PRO A 109 -2.02 -13.44 -21.00
N SER A 110 -2.18 -14.59 -21.64
CA SER A 110 -1.06 -15.47 -21.91
C SER A 110 -0.79 -15.46 -23.41
N GLY A 111 0.38 -15.97 -23.79
CA GLY A 111 0.67 -16.26 -25.18
C GLY A 111 1.09 -15.10 -26.05
N ILE A 112 1.27 -13.90 -25.49
CA ILE A 112 1.68 -12.73 -26.26
C ILE A 112 3.16 -12.49 -25.98
N GLY A 113 4.00 -12.89 -26.93
CA GLY A 113 5.44 -12.76 -26.81
C GLY A 113 6.00 -11.41 -26.41
N HIS A 114 5.76 -10.35 -27.19
CA HIS A 114 6.48 -9.11 -26.97
C HIS A 114 6.10 -8.42 -25.65
N ILE A 115 4.97 -8.74 -25.04
CA ILE A 115 4.67 -8.10 -23.76
C ILE A 115 5.42 -8.77 -22.60
N THR A 116 5.90 -10.00 -22.78
CA THR A 116 6.75 -10.55 -21.73
C THR A 116 8.07 -9.79 -21.56
N ASN A 117 8.35 -8.80 -22.41
CA ASN A 117 9.44 -7.86 -22.18
C ASN A 117 9.04 -6.70 -21.29
N CYS A 118 7.78 -6.58 -20.92
CA CYS A 118 7.24 -5.39 -20.28
C CYS A 118 6.86 -5.68 -18.84
N PHE A 119 6.59 -4.60 -18.10
CA PHE A 119 5.98 -4.72 -16.78
C PHE A 119 4.47 -4.60 -16.97
N LEU A 120 3.71 -5.51 -16.36
CA LEU A 120 2.26 -5.49 -16.44
C LEU A 120 1.72 -5.34 -15.03
N SER A 121 1.18 -4.16 -14.74
CA SER A 121 0.56 -3.84 -13.47
C SER A 121 -0.95 -4.12 -13.54
N VAL A 122 -1.49 -4.71 -12.46
CA VAL A 122 -2.94 -4.89 -12.33
C VAL A 122 -3.39 -4.16 -11.07
N GLU A 123 -4.34 -3.26 -11.23
CA GLU A 123 -4.91 -2.56 -10.09
C GLU A 123 -6.41 -2.40 -10.30
N GLY A 124 -7.13 -2.16 -9.21
CA GLY A 124 -8.60 -2.09 -9.26
C GLY A 124 -9.10 -0.73 -9.72
N THR A 125 -10.21 -0.74 -10.47
CA THR A 125 -10.95 0.47 -10.73
C THR A 125 -12.34 0.34 -10.11
N ASP A 126 -12.90 1.48 -9.69
CA ASP A 126 -14.20 1.51 -9.03
C ASP A 126 -15.36 1.30 -9.99
N GLY A 127 -15.15 1.43 -11.30
CA GLY A 127 -16.21 1.30 -12.26
C GLY A 127 -16.47 -0.15 -12.63
N ASP A 128 -17.33 -0.33 -13.64
CA ASP A 128 -17.65 -1.65 -14.15
C ASP A 128 -16.92 -1.96 -15.45
N LYS A 129 -16.09 -1.05 -15.95
CA LYS A 129 -15.38 -1.26 -17.21
C LYS A 129 -13.88 -1.30 -16.95
N ALA A 130 -13.22 -2.34 -17.46
CA ALA A 130 -11.77 -2.41 -17.40
C ALA A 130 -11.16 -1.46 -18.43
N TYR A 131 -9.96 -0.98 -18.14
CA TYR A 131 -9.28 -0.22 -19.16
C TYR A 131 -7.78 -0.42 -19.05
N LEU A 132 -7.10 0.01 -20.09
CA LEU A 132 -5.68 -0.21 -20.29
C LEU A 132 -5.06 1.15 -20.51
N MET A 133 -3.93 1.40 -19.85
CA MET A 133 -3.11 2.58 -20.11
C MET A 133 -1.69 2.13 -20.40
N THR A 134 -1.04 2.81 -21.34
CA THR A 134 0.35 2.54 -21.68
C THR A 134 1.19 3.75 -21.35
N GLU A 135 2.50 3.53 -21.23
CA GLU A 135 3.39 4.58 -20.72
C GLU A 135 3.56 5.68 -21.73
N GLY A 136 3.62 6.93 -21.24
CA GLY A 136 3.77 8.09 -22.09
C GLY A 136 2.49 8.61 -22.71
N SER A 137 1.38 7.89 -22.55
CA SER A 137 0.08 8.33 -23.03
C SER A 137 -0.88 8.44 -21.85
N ASP A 138 -1.87 9.31 -22.01
CA ASP A 138 -2.87 9.53 -20.97
C ASP A 138 -4.22 8.93 -21.32
N GLU A 139 -4.35 8.29 -22.48
CA GLU A 139 -5.63 7.71 -22.88
C GLU A 139 -5.89 6.41 -22.15
N LYS A 140 -7.14 6.25 -21.71
CA LYS A 140 -7.64 5.02 -21.13
C LYS A 140 -8.36 4.22 -22.22
N LYS A 141 -7.78 3.10 -22.62
CA LYS A 141 -8.39 2.24 -23.63
C LYS A 141 -9.31 1.24 -22.93
N SER A 142 -10.60 1.33 -23.20
CA SER A 142 -11.59 0.48 -22.58
C SER A 142 -11.58 -0.91 -23.21
N VAL A 143 -11.70 -1.95 -22.37
CA VAL A 143 -11.82 -3.33 -22.84
C VAL A 143 -12.90 -4.01 -22.03
N LYS A 144 -13.68 -4.86 -22.69
CA LYS A 144 -14.81 -5.48 -22.01
C LYS A 144 -14.50 -6.86 -21.47
N THR A 145 -13.46 -7.54 -21.98
CA THR A 145 -13.11 -8.90 -21.60
C THR A 145 -11.59 -9.04 -21.56
N VAL A 146 -11.11 -10.13 -20.95
CA VAL A 146 -9.67 -10.38 -20.99
C VAL A 146 -9.23 -10.68 -22.40
N ASN A 147 -10.11 -11.28 -23.19
CA ASN A 147 -9.78 -11.50 -24.59
C ASN A 147 -9.54 -10.19 -25.32
N GLN A 148 -10.39 -9.18 -25.10
CA GLN A 148 -10.17 -7.90 -25.77
C GLN A 148 -8.92 -7.21 -25.22
N LEU A 149 -8.64 -7.38 -23.93
CA LEU A 149 -7.39 -6.87 -23.38
C LEU A 149 -6.19 -7.53 -24.04
N ALA A 150 -6.21 -8.87 -24.11
CA ALA A 150 -5.19 -9.61 -24.84
C ALA A 150 -4.97 -9.04 -26.24
N HIS A 151 -6.05 -8.90 -27.00
CA HIS A 151 -5.92 -8.45 -28.37
C HIS A 151 -5.38 -7.03 -28.44
N ALA A 152 -5.81 -6.16 -27.53
CA ALA A 152 -5.28 -4.79 -27.52
C ALA A 152 -3.78 -4.80 -27.29
N LEU A 153 -3.30 -5.64 -26.37
CA LEU A 153 -1.87 -5.73 -26.12
C LEU A 153 -1.17 -6.36 -27.32
N HIS A 154 -1.74 -7.45 -27.85
CA HIS A 154 -1.13 -8.14 -28.99
C HIS A 154 -0.92 -7.19 -30.17
N MET A 155 -1.85 -6.25 -30.39
CA MET A 155 -1.75 -5.37 -31.53
C MET A 155 -0.82 -4.18 -31.29
N ASP A 156 -0.49 -3.89 -30.03
CA ASP A 156 0.34 -2.72 -29.74
C ASP A 156 1.80 -3.12 -29.83
N LYS A 157 2.38 -2.95 -31.01
CA LYS A 157 3.78 -3.30 -31.25
C LYS A 157 4.76 -2.24 -30.74
N ASP A 158 4.25 -1.08 -30.30
CA ASP A 158 5.11 -0.04 -29.72
C ASP A 158 5.58 -0.39 -28.32
N LEU A 159 4.92 -1.33 -27.67
CA LEU A 159 5.33 -1.74 -26.33
C LEU A 159 6.73 -2.35 -26.41
N LYS A 160 7.74 -1.51 -26.37
CA LYS A 160 9.11 -1.98 -26.42
C LYS A 160 9.56 -2.44 -25.04
N ALA A 161 10.72 -3.09 -25.00
CA ALA A 161 11.22 -3.71 -23.78
C ALA A 161 11.32 -2.70 -22.64
N GLY A 162 10.82 -3.08 -21.47
CA GLY A 162 10.93 -2.27 -20.28
C GLY A 162 9.77 -1.34 -20.01
N CYS A 163 8.82 -1.22 -20.94
CA CYS A 163 7.71 -0.29 -20.71
C CYS A 163 6.74 -0.86 -19.68
N LEU A 164 5.89 0.03 -19.16
CA LEU A 164 4.90 -0.32 -18.15
C LEU A 164 3.51 -0.28 -18.78
N VAL A 165 2.81 -1.41 -18.70
CA VAL A 165 1.42 -1.52 -19.10
C VAL A 165 0.57 -1.55 -17.83
N ARG A 166 -0.39 -0.65 -17.73
CA ARG A 166 -1.24 -0.54 -16.55
C ARG A 166 -2.64 -1.04 -16.84
N VAL A 167 -3.05 -2.10 -16.16
CA VAL A 167 -4.36 -2.70 -16.33
C VAL A 167 -5.23 -2.29 -15.14
N PHE A 168 -6.40 -1.76 -15.44
CA PHE A 168 -7.39 -1.38 -14.44
C PHE A 168 -8.57 -2.32 -14.57
N TRP A 169 -8.81 -3.13 -13.53
CA TRP A 169 -9.82 -4.17 -13.56
C TRP A 169 -10.88 -3.91 -12.50
N PRO A 170 -12.16 -4.09 -12.83
CA PRO A 170 -13.24 -3.75 -11.88
C PRO A 170 -13.06 -4.49 -10.57
N LYS A 171 -12.88 -3.71 -9.49
CA LYS A 171 -12.72 -4.29 -8.15
C LYS A 171 -13.80 -5.31 -7.83
N ALA A 172 -15.03 -5.08 -8.30
CA ALA A 172 -16.13 -5.97 -7.92
C ALA A 172 -16.03 -7.33 -8.58
N LYS A 173 -15.22 -7.49 -9.63
CA LYS A 173 -15.28 -8.67 -10.48
C LYS A 173 -14.25 -9.74 -10.12
N CYS A 174 -13.38 -9.48 -9.17
CA CYS A 174 -12.29 -10.39 -8.87
C CYS A 174 -11.82 -10.10 -7.45
N ALA A 175 -10.86 -10.90 -6.98
CA ALA A 175 -10.39 -10.82 -5.60
C ALA A 175 -9.22 -9.84 -5.47
N LEU A 176 -8.94 -9.42 -4.23
CA LEU A 176 -7.73 -8.69 -3.84
C LEU A 176 -7.72 -7.21 -4.23
N LEU A 177 -8.10 -6.88 -5.47
CA LEU A 177 -7.98 -5.49 -5.94
C LEU A 177 -8.82 -4.55 -5.11
N ARG A 178 -10.00 -5.00 -4.68
CA ARG A 178 -10.85 -4.18 -3.83
C ARG A 178 -10.20 -3.85 -2.50
N ASP A 179 -9.21 -4.63 -2.06
CA ASP A 179 -8.55 -4.36 -0.78
C ASP A 179 -7.22 -3.63 -0.95
N ASP A 180 -7.04 -2.91 -2.06
CA ASP A 180 -5.93 -1.96 -2.27
C ASP A 180 -4.59 -2.68 -2.46
N LEU A 181 -4.63 -3.84 -3.13
CA LEU A 181 -3.45 -4.55 -3.60
C LEU A 181 -3.24 -4.32 -5.10
N VAL A 182 -2.00 -4.01 -5.47
CA VAL A 182 -1.57 -3.90 -6.87
C VAL A 182 -0.59 -5.04 -7.12
N LEU A 183 -0.78 -5.76 -8.23
CA LEU A 183 0.06 -6.90 -8.56
C LEU A 183 0.82 -6.60 -9.85
N VAL A 184 2.14 -6.80 -9.83
CA VAL A 184 3.00 -6.41 -10.95
C VAL A 184 3.70 -7.66 -11.49
N ASP A 185 3.46 -7.97 -12.75
CA ASP A 185 4.16 -9.03 -13.46
C ASP A 185 5.32 -8.39 -14.21
N SER A 186 6.53 -8.88 -14.00
CA SER A 186 7.74 -8.25 -14.54
C SER A 186 8.17 -8.96 -15.83
N PRO A 187 9.12 -8.39 -16.58
CA PRO A 187 9.60 -9.08 -17.77
C PRO A 187 10.16 -10.46 -17.43
N GLY A 188 9.87 -11.43 -18.29
CA GLY A 188 10.40 -12.77 -18.14
C GLY A 188 11.92 -12.81 -18.10
N THR A 189 12.46 -13.33 -17.01
CA THR A 189 13.91 -13.38 -16.87
C THR A 189 14.48 -14.38 -17.88
N ASP A 190 15.54 -13.99 -18.57
CA ASP A 190 16.24 -14.93 -19.43
C ASP A 190 17.72 -14.57 -19.47
N VAL A 191 18.48 -15.31 -20.28
CA VAL A 191 19.92 -15.12 -20.35
C VAL A 191 20.30 -13.76 -20.93
N THR A 192 19.35 -13.02 -21.53
CA THR A 192 19.64 -11.72 -22.11
C THR A 192 19.12 -10.53 -21.31
N THR A 193 18.18 -10.73 -20.37
CA THR A 193 17.65 -9.60 -19.62
C THR A 193 18.72 -8.95 -18.77
N GLU A 194 18.72 -7.62 -18.74
CA GLU A 194 19.59 -6.83 -17.87
C GLU A 194 18.69 -6.17 -16.83
N LEU A 195 18.74 -6.70 -15.60
CA LEU A 195 17.87 -6.26 -14.50
C LEU A 195 18.47 -5.11 -13.70
N ASP A 196 19.22 -4.22 -14.35
CA ASP A 196 19.88 -3.13 -13.64
C ASP A 196 18.87 -2.12 -13.12
N SER A 197 18.10 -1.52 -14.02
CA SER A 197 17.20 -0.42 -13.66
C SER A 197 15.86 -0.91 -13.11
N TRP A 198 15.68 -2.21 -12.94
CA TRP A 198 14.38 -2.73 -12.50
C TRP A 198 14.03 -2.22 -11.10
N ILE A 199 15.01 -2.13 -10.20
CA ILE A 199 14.74 -1.79 -8.80
C ILE A 199 14.13 -0.41 -8.69
N ASP A 200 14.85 0.61 -9.20
CA ASP A 200 14.32 1.97 -9.13
C ASP A 200 13.08 2.13 -10.00
N LYS A 201 12.99 1.37 -11.09
CA LYS A 201 11.78 1.35 -11.91
C LYS A 201 10.55 1.10 -11.05
N PHE A 202 10.35 -0.15 -10.62
CA PHE A 202 9.11 -0.54 -9.96
C PHE A 202 9.38 -1.55 -8.85
N CYS A 203 10.38 -1.26 -8.00
CA CYS A 203 10.71 -2.17 -6.90
C CYS A 203 10.98 -1.50 -5.56
N LEU A 204 11.57 -0.32 -5.52
CA LEU A 204 11.77 0.31 -4.21
C LEU A 204 10.45 0.62 -3.51
N ASP A 205 9.33 0.52 -4.23
CA ASP A 205 8.02 0.69 -3.65
C ASP A 205 7.26 -0.62 -3.50
N ALA A 206 7.80 -1.75 -4.00
CA ALA A 206 7.13 -3.03 -3.81
C ALA A 206 7.28 -3.50 -2.38
N ASP A 207 6.18 -3.91 -1.78
CA ASP A 207 6.23 -4.37 -0.41
C ASP A 207 6.65 -5.83 -0.30
N VAL A 208 6.36 -6.64 -1.32
CA VAL A 208 6.73 -8.05 -1.36
C VAL A 208 7.24 -8.37 -2.75
N PHE A 209 8.31 -9.16 -2.81
CA PHE A 209 8.87 -9.66 -4.06
C PHE A 209 8.67 -11.17 -4.11
N VAL A 210 8.12 -11.67 -5.21
CA VAL A 210 7.85 -13.10 -5.33
C VAL A 210 8.64 -13.66 -6.51
N LEU A 211 9.56 -14.58 -6.21
CA LEU A 211 10.27 -15.32 -7.24
C LEU A 211 9.44 -16.55 -7.58
N VAL A 212 8.95 -16.62 -8.81
CA VAL A 212 8.24 -17.80 -9.29
C VAL A 212 9.20 -18.61 -10.16
N ALA A 213 9.48 -19.83 -9.73
CA ALA A 213 10.36 -20.74 -10.45
C ALA A 213 9.53 -21.94 -10.89
N ASN A 214 10.03 -22.60 -11.93
CA ASN A 214 9.48 -23.88 -12.32
C ASN A 214 10.00 -24.96 -11.36
N SER A 215 9.09 -25.81 -10.88
CA SER A 215 9.48 -26.81 -9.88
C SER A 215 10.41 -27.86 -10.46
N GLU A 216 10.31 -28.16 -11.77
CA GLU A 216 11.21 -29.07 -12.47
C GLU A 216 12.58 -28.47 -12.73
N SER A 217 12.81 -27.20 -12.39
CA SER A 217 14.00 -26.46 -12.76
C SER A 217 14.73 -25.94 -11.53
N THR A 218 16.06 -25.85 -11.63
CA THR A 218 16.86 -25.19 -10.61
C THR A 218 16.85 -23.67 -10.81
N LEU A 219 17.27 -22.95 -9.77
CA LEU A 219 17.20 -21.49 -9.81
C LEU A 219 18.24 -20.92 -10.77
N MET A 220 17.83 -19.96 -11.60
CA MET A 220 18.76 -19.30 -12.51
C MET A 220 19.78 -18.47 -11.76
N ASN A 221 20.97 -18.35 -12.35
CA ASN A 221 21.94 -17.41 -11.82
C ASN A 221 21.48 -15.97 -11.97
N THR A 222 20.77 -15.65 -13.05
CA THR A 222 20.27 -14.28 -13.21
C THR A 222 19.20 -13.97 -12.16
N GLU A 223 18.31 -14.93 -11.89
CA GLU A 223 17.29 -14.74 -10.86
C GLU A 223 17.93 -14.51 -9.50
N LYS A 224 18.88 -15.37 -9.13
CA LYS A 224 19.55 -15.21 -7.85
C LYS A 224 20.31 -13.89 -7.80
N HIS A 225 20.96 -13.50 -8.90
CA HIS A 225 21.70 -12.24 -8.91
C HIS A 225 20.77 -11.04 -8.72
N PHE A 226 19.58 -11.09 -9.33
CA PHE A 226 18.63 -9.99 -9.15
C PHE A 226 18.20 -9.85 -7.69
N PHE A 227 17.90 -10.96 -7.03
CA PHE A 227 17.49 -10.86 -5.63
C PHE A 227 18.67 -10.51 -4.72
N HIS A 228 19.90 -10.83 -5.12
CA HIS A 228 21.03 -10.25 -4.41
C HIS A 228 21.06 -8.74 -4.58
N LYS A 229 20.69 -8.25 -5.77
CA LYS A 229 20.62 -6.81 -6.00
C LYS A 229 19.50 -6.19 -5.18
N VAL A 230 18.33 -6.82 -5.18
CA VAL A 230 17.23 -6.35 -4.33
C VAL A 230 17.67 -6.26 -2.89
N ASN A 231 18.28 -7.34 -2.38
CA ASN A 231 18.68 -7.40 -0.97
C ASN A 231 19.77 -6.38 -0.64
N GLU A 232 20.59 -5.99 -1.61
CA GLU A 232 21.56 -4.93 -1.36
C GLU A 232 20.87 -3.58 -1.25
N ARG A 233 19.95 -3.31 -2.18
CA ARG A 233 19.35 -1.99 -2.31
C ARG A 233 18.37 -1.66 -1.18
N LEU A 234 17.71 -2.68 -0.64
CA LEU A 234 16.65 -2.49 0.34
C LEU A 234 17.01 -3.20 1.64
N SER A 235 16.50 -2.66 2.74
CA SER A 235 16.69 -3.26 4.06
C SER A 235 15.64 -4.33 4.29
N LYS A 236 16.08 -5.57 4.53
CA LYS A 236 15.25 -6.73 4.80
C LYS A 236 13.97 -6.79 3.94
N PRO A 237 14.08 -6.84 2.63
CA PRO A 237 12.88 -6.97 1.79
C PRO A 237 12.20 -8.29 2.06
N ASN A 238 10.90 -8.31 1.79
CA ASN A 238 10.09 -9.52 1.93
C ASN A 238 10.15 -10.32 0.64
N ILE A 239 10.68 -11.54 0.71
CA ILE A 239 10.90 -12.36 -0.49
C ILE A 239 10.24 -13.72 -0.29
N PHE A 240 9.36 -14.08 -1.23
CA PHE A 240 8.75 -15.40 -1.31
C PHE A 240 9.30 -16.14 -2.53
N ILE A 241 9.37 -17.47 -2.45
CA ILE A 241 9.64 -18.32 -3.61
C ILE A 241 8.46 -19.26 -3.81
N LEU A 242 7.80 -19.14 -4.96
CA LEU A 242 6.76 -20.08 -5.38
C LEU A 242 7.35 -21.01 -6.42
N ASN A 243 7.30 -22.30 -6.17
CA ASN A 243 7.74 -23.31 -7.11
C ASN A 243 6.48 -23.84 -7.79
N ASN A 244 6.33 -23.52 -9.07
CA ASN A 244 5.06 -23.68 -9.77
C ASN A 244 5.12 -24.84 -10.75
N ARG A 245 4.15 -25.75 -10.63
CA ARG A 245 3.97 -26.81 -11.61
C ARG A 245 3.11 -26.29 -12.75
N TRP A 246 3.65 -26.32 -13.97
CA TRP A 246 2.96 -25.74 -15.10
C TRP A 246 1.62 -26.45 -15.34
N ASP A 247 1.65 -27.77 -15.41
CA ASP A 247 0.47 -28.58 -15.73
C ASP A 247 0.43 -29.77 -14.77
N ALA A 248 -0.45 -29.70 -13.77
CA ALA A 248 -0.51 -30.75 -12.76
C ALA A 248 -1.06 -32.05 -13.32
N SER A 249 -1.89 -31.99 -14.37
CA SER A 249 -2.44 -33.19 -14.97
C SER A 249 -1.39 -34.04 -15.69
N ALA A 250 -0.28 -33.43 -16.10
CA ALA A 250 0.79 -34.18 -16.75
C ALA A 250 1.46 -35.10 -15.74
N SER A 251 1.45 -36.40 -16.02
CA SER A 251 2.03 -37.36 -15.10
C SER A 251 3.55 -37.29 -15.11
N GLU A 252 4.15 -37.44 -13.93
CA GLU A 252 5.58 -37.37 -13.75
C GLU A 252 6.11 -38.71 -13.22
N PRO A 253 7.37 -39.05 -13.52
CA PRO A 253 7.94 -40.30 -13.00
C PRO A 253 8.16 -40.26 -11.49
N GLU A 254 8.74 -41.34 -10.96
CA GLU A 254 8.76 -41.52 -9.51
C GLU A 254 9.74 -40.57 -8.82
N TYR A 255 10.96 -40.47 -9.37
CA TYR A 255 12.03 -39.71 -8.72
C TYR A 255 11.72 -38.22 -8.56
N MET A 256 10.59 -37.75 -9.12
CA MET A 256 10.30 -36.31 -9.09
C MET A 256 9.88 -35.80 -7.71
N GLU A 257 9.66 -36.68 -6.73
CA GLU A 257 9.48 -36.20 -5.37
C GLU A 257 10.82 -35.85 -4.72
N ASP A 258 11.88 -36.61 -5.04
CA ASP A 258 13.20 -36.26 -4.55
C ASP A 258 13.75 -35.03 -5.27
N VAL A 259 13.34 -34.81 -6.53
CA VAL A 259 13.72 -33.59 -7.22
C VAL A 259 13.15 -32.37 -6.50
N ARG A 260 11.85 -32.42 -6.20
CA ARG A 260 11.21 -31.35 -5.43
C ARG A 260 11.86 -31.18 -4.07
N ARG A 261 12.14 -32.29 -3.38
CA ARG A 261 12.85 -32.24 -2.11
C ARG A 261 14.21 -31.55 -2.26
N GLN A 262 14.99 -31.95 -3.26
CA GLN A 262 16.28 -31.28 -3.51
C GLN A 262 16.07 -29.79 -3.75
N HIS A 263 15.02 -29.43 -4.48
CA HIS A 263 14.76 -28.03 -4.78
C HIS A 263 14.33 -27.25 -3.55
N MET A 264 13.60 -27.89 -2.63
CA MET A 264 13.27 -27.22 -1.36
C MET A 264 14.53 -26.83 -0.61
N GLU A 265 15.52 -27.72 -0.55
CA GLU A 265 16.74 -27.40 0.17
C GLU A 265 17.50 -26.28 -0.51
N ARG A 266 17.55 -26.28 -1.84
CA ARG A 266 18.23 -25.19 -2.53
C ARG A 266 17.52 -23.86 -2.29
N CYS A 267 16.19 -23.86 -2.17
CA CYS A 267 15.48 -22.64 -1.86
C CYS A 267 15.77 -22.15 -0.45
N LEU A 268 15.74 -23.06 0.53
CA LEU A 268 16.11 -22.73 1.90
C LEU A 268 17.51 -22.15 1.98
N HIS A 269 18.47 -22.82 1.35
CA HIS A 269 19.86 -22.34 1.35
C HIS A 269 19.95 -20.93 0.78
N PHE A 270 19.25 -20.68 -0.34
CA PHE A 270 19.31 -19.37 -0.98
C PHE A 270 18.82 -18.28 -0.03
N LEU A 271 17.61 -18.46 0.53
CA LEU A 271 17.04 -17.47 1.44
C LEU A 271 17.86 -17.32 2.73
N VAL A 272 18.28 -18.43 3.32
CA VAL A 272 18.87 -18.43 4.66
C VAL A 272 20.37 -18.20 4.62
N GLU A 273 21.08 -18.92 3.75
CA GLU A 273 22.53 -18.85 3.77
C GLU A 273 23.08 -17.83 2.78
N GLU A 274 22.52 -17.75 1.57
CA GLU A 274 23.06 -16.84 0.57
C GLU A 274 22.57 -15.42 0.79
N LEU A 275 21.25 -15.20 0.68
CA LEU A 275 20.69 -13.86 0.86
C LEU A 275 20.78 -13.41 2.31
N LYS A 276 20.56 -14.35 3.24
CA LYS A 276 20.50 -14.04 4.67
C LYS A 276 19.38 -13.04 4.97
N VAL A 277 18.24 -13.21 4.30
CA VAL A 277 17.09 -12.33 4.52
C VAL A 277 16.13 -12.89 5.56
N VAL A 278 16.38 -14.10 6.05
CA VAL A 278 15.38 -14.79 6.85
C VAL A 278 16.06 -16.00 7.50
N ASN A 279 15.56 -16.45 8.64
CA ASN A 279 16.19 -17.61 9.25
C ASN A 279 15.44 -18.89 8.84
N ALA A 280 16.02 -20.02 9.27
CA ALA A 280 15.56 -21.33 8.81
C ALA A 280 14.09 -21.58 9.13
N LEU A 281 13.61 -21.04 10.24
CA LEU A 281 12.22 -21.27 10.61
C LEU A 281 11.28 -20.40 9.78
N GLU A 282 11.62 -19.13 9.63
CA GLU A 282 10.77 -18.25 8.83
C GLU A 282 10.81 -18.64 7.36
N ALA A 283 11.95 -19.15 6.87
CA ALA A 283 12.04 -19.55 5.47
C ALA A 283 11.04 -20.65 5.14
N GLN A 284 10.67 -21.46 6.14
CA GLN A 284 9.63 -22.46 5.97
C GLN A 284 8.33 -21.83 5.47
N ASN A 285 8.06 -20.58 5.85
CA ASN A 285 6.84 -19.90 5.46
C ASN A 285 7.07 -18.89 4.34
N ARG A 286 8.19 -19.01 3.62
CA ARG A 286 8.44 -18.17 2.45
C ARG A 286 8.62 -18.97 1.17
N ILE A 287 8.47 -20.29 1.20
CA ILE A 287 8.68 -21.15 0.06
C ILE A 287 7.47 -22.06 -0.06
N PHE A 288 6.83 -22.06 -1.24
CA PHE A 288 5.61 -22.83 -1.43
C PHE A 288 5.69 -23.56 -2.76
N PHE A 289 4.98 -24.68 -2.84
CA PHE A 289 4.88 -25.50 -4.05
C PHE A 289 3.42 -25.46 -4.51
N VAL A 290 3.18 -24.83 -5.66
CA VAL A 290 1.83 -24.54 -6.13
C VAL A 290 1.68 -25.06 -7.54
N SER A 291 0.43 -25.08 -8.00
CA SER A 291 0.08 -25.40 -9.39
C SER A 291 -0.97 -24.37 -9.77
N ALA A 292 -0.52 -23.25 -10.33
CA ALA A 292 -1.37 -22.06 -10.44
C ALA A 292 -2.46 -22.24 -11.48
N LYS A 293 -2.12 -22.79 -12.65
CA LYS A 293 -3.13 -23.00 -13.70
C LYS A 293 -4.25 -23.89 -13.20
N GLU A 294 -3.90 -24.92 -12.41
CA GLU A 294 -4.88 -25.80 -11.82
C GLU A 294 -5.79 -25.06 -10.85
N VAL A 295 -5.21 -24.20 -10.00
CA VAL A 295 -5.99 -23.42 -9.05
C VAL A 295 -6.90 -22.43 -9.79
N LEU A 296 -6.34 -21.75 -10.81
CA LEU A 296 -7.12 -20.81 -11.60
C LEU A 296 -8.32 -21.51 -12.24
N SER A 297 -8.09 -22.65 -12.87
CA SER A 297 -9.19 -23.33 -13.54
C SER A 297 -10.25 -23.77 -12.53
N ALA A 298 -9.83 -24.26 -11.37
CA ALA A 298 -10.82 -24.63 -10.35
C ALA A 298 -11.59 -23.41 -9.88
N ARG A 299 -10.90 -22.29 -9.68
CA ARG A 299 -11.57 -21.07 -9.21
C ARG A 299 -12.53 -20.50 -10.24
N LYS A 300 -12.23 -20.63 -11.53
CA LYS A 300 -13.18 -20.14 -12.53
C LYS A 300 -14.43 -21.01 -12.60
N GLN A 301 -14.28 -22.33 -12.47
CA GLN A 301 -15.45 -23.19 -12.36
C GLN A 301 -16.30 -22.83 -11.13
N LYS A 302 -15.64 -22.54 -10.02
CA LYS A 302 -16.34 -22.22 -8.78
C LYS A 302 -17.15 -20.94 -8.93
N ALA A 303 -16.52 -19.88 -9.45
CA ALA A 303 -17.17 -18.60 -9.60
C ALA A 303 -18.37 -18.67 -10.54
N GLN A 304 -18.34 -19.59 -11.49
CA GLN A 304 -19.47 -19.83 -12.37
C GLN A 304 -20.57 -20.68 -11.75
N GLY A 305 -20.41 -21.14 -10.51
CA GLY A 305 -21.44 -21.97 -9.92
C GLY A 305 -21.37 -23.44 -10.22
N MET A 306 -20.29 -23.91 -10.82
CA MET A 306 -20.13 -25.34 -11.04
C MET A 306 -19.80 -26.03 -9.72
N PRO A 307 -20.43 -27.16 -9.42
CA PRO A 307 -20.09 -27.90 -8.20
C PRO A 307 -18.86 -28.75 -8.44
N GLU A 308 -17.93 -28.69 -7.48
CA GLU A 308 -16.69 -29.46 -7.60
C GLU A 308 -16.96 -30.95 -7.70
N SER A 309 -18.03 -31.43 -7.06
CA SER A 309 -18.39 -32.86 -7.09
C SER A 309 -18.64 -33.37 -8.50
N GLY A 310 -18.90 -32.49 -9.47
CA GLY A 310 -19.19 -32.92 -10.82
C GLY A 310 -18.06 -32.74 -11.81
N VAL A 311 -17.00 -32.06 -11.40
CA VAL A 311 -15.84 -31.83 -12.26
C VAL A 311 -14.79 -32.89 -11.97
N ALA A 312 -14.00 -33.24 -13.00
CA ALA A 312 -12.89 -34.19 -12.87
C ALA A 312 -11.62 -33.45 -12.47
N LEU A 313 -11.07 -33.82 -11.31
CA LEU A 313 -9.90 -33.18 -10.73
C LEU A 313 -8.74 -34.16 -10.69
N ALA A 314 -7.54 -33.65 -10.97
CA ALA A 314 -6.35 -34.50 -10.91
C ALA A 314 -6.11 -34.99 -9.49
N GLU A 315 -5.43 -36.13 -9.39
CA GLU A 315 -5.12 -36.68 -8.08
C GLU A 315 -4.24 -35.71 -7.30
N GLY A 316 -4.52 -35.58 -6.00
CA GLY A 316 -3.79 -34.66 -5.15
C GLY A 316 -4.23 -33.21 -5.25
N PHE A 317 -5.33 -32.92 -5.94
CA PHE A 317 -5.78 -31.53 -6.13
C PHE A 317 -5.96 -30.82 -4.80
N HIS A 318 -6.63 -31.48 -3.85
CA HIS A 318 -7.06 -30.80 -2.65
C HIS A 318 -5.87 -30.39 -1.80
N ALA A 319 -4.85 -31.23 -1.72
CA ALA A 319 -3.65 -30.88 -0.96
C ALA A 319 -2.88 -29.75 -1.65
N ARG A 320 -2.86 -29.74 -2.98
CA ARG A 320 -2.26 -28.62 -3.71
C ARG A 320 -3.07 -27.34 -3.54
N LEU A 321 -4.41 -27.41 -3.58
CA LEU A 321 -5.20 -26.20 -3.35
C LEU A 321 -4.90 -25.64 -1.97
N GLN A 322 -4.78 -26.51 -0.97
CA GLN A 322 -4.49 -26.08 0.40
C GLN A 322 -3.16 -25.34 0.49
N GLU A 323 -2.14 -25.82 -0.23
CA GLU A 323 -0.85 -25.14 -0.22
C GLU A 323 -0.95 -23.76 -0.87
N PHE A 324 -1.74 -23.65 -1.95
CA PHE A 324 -1.95 -22.33 -2.52
C PHE A 324 -2.68 -21.40 -1.54
N GLN A 325 -3.69 -21.92 -0.84
CA GLN A 325 -4.37 -21.12 0.18
C GLN A 325 -3.43 -20.75 1.32
N ASN A 326 -2.55 -21.66 1.72
CA ASN A 326 -1.62 -21.33 2.79
CA ASN A 326 -1.61 -21.35 2.79
C ASN A 326 -0.68 -20.22 2.36
N PHE A 327 -0.15 -20.29 1.14
CA PHE A 327 0.65 -19.20 0.59
C PHE A 327 -0.12 -17.89 0.61
N GLU A 328 -1.34 -17.88 0.09
CA GLU A 328 -2.11 -16.64 0.07
C GLU A 328 -2.28 -16.05 1.46
N GLN A 329 -2.54 -16.90 2.44
CA GLN A 329 -2.74 -16.43 3.82
C GLN A 329 -1.47 -15.79 4.38
N ILE A 330 -0.34 -16.51 4.27
CA ILE A 330 0.93 -16.02 4.78
C ILE A 330 1.38 -14.80 3.99
N PHE A 331 1.19 -14.81 2.67
CA PHE A 331 1.52 -13.64 1.88
C PHE A 331 0.71 -12.43 2.32
N GLU A 332 -0.60 -12.61 2.53
CA GLU A 332 -1.44 -11.46 2.87
C GLU A 332 -1.15 -10.94 4.28
N GLU A 333 -0.76 -11.80 5.21
CA GLU A 333 -0.32 -11.32 6.52
C GLU A 333 0.93 -10.50 6.40
N CYS A 334 1.89 -10.97 5.58
CA CYS A 334 3.16 -10.29 5.41
C CYS A 334 2.97 -8.90 4.80
N ILE A 335 2.22 -8.82 3.70
CA ILE A 335 2.19 -7.56 2.97
C ILE A 335 1.35 -6.53 3.72
N SER A 336 0.27 -6.97 4.37
CA SER A 336 -0.56 -6.02 5.11
C SER A 336 0.22 -5.43 6.28
N GLN A 337 0.86 -6.27 7.08
CA GLN A 337 1.65 -5.78 8.20
C GLN A 337 2.79 -4.89 7.72
N SER A 338 3.47 -5.29 6.63
CA SER A 338 4.62 -4.51 6.19
C SER A 338 4.19 -3.17 5.59
N ALA A 339 3.14 -3.17 4.76
CA ALA A 339 2.78 -1.95 4.05
C ALA A 339 2.20 -0.89 4.99
N VAL A 340 1.48 -1.29 6.03
CA VAL A 340 0.90 -0.30 6.94
C VAL A 340 2.01 0.57 7.53
N LYS A 341 3.07 -0.07 8.03
CA LYS A 341 4.18 0.71 8.58
C LYS A 341 4.91 1.50 7.49
N THR A 342 5.15 0.89 6.33
CA THR A 342 5.88 1.57 5.28
C THR A 342 5.10 2.77 4.73
N LYS A 343 3.82 2.59 4.47
CA LYS A 343 3.03 3.60 3.79
C LYS A 343 2.44 4.68 4.70
N PHE A 344 2.19 4.40 5.99
CA PHE A 344 1.51 5.39 6.82
C PHE A 344 2.36 6.00 7.93
N GLU A 345 3.57 5.49 8.18
CA GLU A 345 4.32 5.96 9.34
C GLU A 345 4.77 7.42 9.18
N GLN A 346 5.38 7.77 8.05
CA GLN A 346 5.87 9.14 7.93
C GLN A 346 4.72 10.15 7.99
N HIS A 347 3.57 9.82 7.42
CA HIS A 347 2.41 10.71 7.52
C HIS A 347 1.95 10.87 8.95
N THR A 348 2.01 9.81 9.75
CA THR A 348 1.62 9.91 11.15
C THR A 348 2.57 10.83 11.91
N ILE A 349 3.87 10.69 11.67
CA ILE A 349 4.86 11.58 12.25
C ILE A 349 4.63 13.02 11.81
N ARG A 350 4.28 13.23 10.54
CA ARG A 350 4.08 14.60 10.07
C ARG A 350 2.86 15.21 10.73
N ALA A 351 1.82 14.41 10.95
CA ALA A 351 0.62 14.93 11.61
C ALA A 351 0.92 15.35 13.04
N LYS A 352 1.79 14.62 13.75
CA LYS A 352 2.15 15.03 15.10
C LYS A 352 2.90 16.34 15.11
N GLN A 353 3.81 16.53 14.14
CA GLN A 353 4.56 17.78 14.05
C GLN A 353 3.61 18.95 13.79
N ILE A 354 2.60 18.75 12.94
CA ILE A 354 1.67 19.83 12.64
C ILE A 354 0.84 20.17 13.87
N LEU A 355 0.37 19.15 14.59
CA LEU A 355 -0.38 19.38 15.81
C LEU A 355 0.45 20.13 16.83
N ALA A 356 1.73 19.78 16.96
CA ALA A 356 2.58 20.50 17.90
C ALA A 356 2.67 21.98 17.56
N THR A 357 2.87 22.32 16.28
CA THR A 357 2.99 23.72 15.88
CA THR A 357 2.99 23.73 15.95
C THR A 357 1.65 24.45 16.05
N VAL A 358 0.54 23.78 15.72
CA VAL A 358 -0.77 24.41 15.89
C VAL A 358 -1.05 24.65 17.36
N LYS A 359 -0.70 23.68 18.21
CA LYS A 359 -0.83 23.88 19.65
C LYS A 359 -0.04 25.10 20.13
N ASN A 360 1.19 25.25 19.63
CA ASN A 360 2.02 26.40 20.03
C ASN A 360 1.37 27.72 19.63
N ILE A 361 0.71 27.76 18.47
CA ILE A 361 0.03 28.98 18.04
C ILE A 361 -1.13 29.31 18.98
N MET A 362 -1.93 28.30 19.34
CA MET A 362 -3.04 28.54 20.26
C MET A 362 -2.56 28.98 21.64
N ASP A 363 -1.43 28.42 22.11
CA ASP A 363 -0.85 28.86 23.38
C ASP A 363 -0.35 30.29 23.28
N SER A 364 0.23 30.65 22.13
CA SER A 364 0.70 32.02 21.92
C SER A 364 -0.47 32.99 21.96
N VAL A 365 -1.57 32.65 21.29
CA VAL A 365 -2.76 33.51 21.28
C VAL A 365 -3.30 33.64 22.70
N ASN A 366 -3.42 32.51 23.38
CA ASN A 366 -3.93 32.47 24.74
C ASN A 366 -3.11 33.34 25.67
N LEU A 367 -1.78 33.22 25.58
CA LEU A 367 -0.90 33.97 26.46
C LEU A 367 -0.95 35.48 26.17
N ALA A 368 -1.04 35.85 24.89
CA ALA A 368 -1.17 37.26 24.54
C ALA A 368 -2.50 37.82 25.01
N ALA A 369 -3.58 37.05 24.89
CA ALA A 369 -4.87 37.51 25.38
C ALA A 369 -4.84 37.64 26.90
N GLU A 370 -4.12 36.75 27.57
CA GLU A 370 -3.95 36.85 29.01
C GLU A 370 -3.20 38.12 29.39
N ASP A 371 -2.09 38.42 28.70
CA ASP A 371 -1.33 39.63 29.01
C ASP A 371 -2.18 40.88 28.82
N LYS A 372 -2.91 40.95 27.71
CA LYS A 372 -3.71 42.13 27.44
C LYS A 372 -4.76 42.37 28.52
N SER A 373 -5.45 41.30 28.96
CA SER A 373 -6.50 41.54 29.95
C SER A 373 -5.89 41.98 31.27
N ALA A 374 -4.72 41.46 31.63
CA ALA A 374 -4.05 41.96 32.83
C ALA A 374 -3.62 43.42 32.65
N ALA A 375 -3.10 43.77 31.47
CA ALA A 375 -2.74 45.17 31.20
C ALA A 375 -3.97 46.06 31.20
N SER A 376 -5.08 45.58 30.62
CA SER A 376 -6.32 46.35 30.64
C SER A 376 -6.84 46.52 32.07
N ALA A 377 -6.71 45.50 32.92
CA ALA A 377 -7.14 45.64 34.31
C ALA A 377 -6.25 46.61 35.07
N ALA A 378 -4.94 46.58 34.83
CA ALA A 378 -4.04 47.49 35.53
C ALA A 378 -4.33 48.94 35.14
N SER A 379 -4.66 49.18 33.87
CA SER A 379 -5.03 50.52 33.45
C SER A 379 -6.34 50.97 34.09
N ALA A 380 -7.33 50.07 34.17
CA ALA A 380 -8.63 50.44 34.72
C ALA A 380 -8.55 50.78 36.21
N ALA A 381 -7.64 50.13 36.94
CA ALA A 381 -7.47 50.41 38.35
C ALA A 381 -6.80 51.77 38.60
N SER A 382 -6.26 52.41 37.57
CA SER A 382 -5.61 53.70 37.71
C SER A 382 -6.27 54.76 36.84
N ALA A 387 -13.30 56.43 39.40
CA ALA A 387 -13.92 55.20 39.89
C ALA A 387 -13.27 53.96 39.28
N ALA A 388 -13.75 52.78 39.67
CA ALA A 388 -13.17 51.51 39.26
C ALA A 388 -13.92 50.98 38.04
N ARG A 389 -13.38 51.25 36.86
CA ARG A 389 -14.00 50.84 35.60
C ARG A 389 -13.74 49.35 35.33
N LEU A 390 -14.74 48.70 34.73
CA LEU A 390 -14.53 47.35 34.20
C LEU A 390 -13.58 47.42 33.00
N PRO A 391 -12.50 46.64 32.98
CA PRO A 391 -11.50 46.77 31.91
C PRO A 391 -12.08 46.71 30.51
N LYS A 392 -11.45 47.45 29.62
CA LYS A 392 -11.91 47.52 28.23
C LYS A 392 -11.79 46.17 27.54
N GLU A 393 -12.80 45.84 26.72
CA GLU A 393 -12.82 44.65 25.88
C GLU A 393 -12.64 43.36 26.68
N ILE A 394 -12.90 43.40 27.99
CA ILE A 394 -12.63 42.24 28.83
C ILE A 394 -13.45 41.05 28.38
N ASP A 395 -14.66 41.27 27.85
CA ASP A 395 -15.49 40.15 27.42
C ASP A 395 -14.97 39.54 26.13
N GLN A 396 -14.47 40.36 25.20
CA GLN A 396 -13.86 39.84 23.98
C GLN A 396 -12.60 39.06 24.31
N LEU A 397 -11.77 39.57 25.22
CA LEU A 397 -10.58 38.83 25.60
C LEU A 397 -10.95 37.50 26.24
N GLU A 398 -12.05 37.46 27.01
CA GLU A 398 -12.44 36.22 27.64
C GLU A 398 -12.79 35.18 26.59
N LYS A 399 -13.42 35.59 25.50
CA LYS A 399 -13.72 34.66 24.42
C LYS A 399 -12.47 34.21 23.69
N ILE A 400 -11.59 35.16 23.35
CA ILE A 400 -10.34 34.82 22.67
C ILE A 400 -9.56 33.83 23.50
N GLN A 401 -9.43 34.14 24.79
CA GLN A 401 -8.60 33.32 25.67
C GLN A 401 -9.20 31.93 25.83
N ASN A 402 -10.52 31.86 26.07
CA ASN A 402 -11.16 30.57 26.28
C ASN A 402 -11.19 29.76 25.00
N ASN A 403 -11.50 30.39 23.86
CA ASN A 403 -11.53 29.62 22.60
C ASN A 403 -10.15 29.06 22.27
N SER A 404 -9.10 29.86 22.43
CA SER A 404 -7.76 29.35 22.11
C SER A 404 -7.41 28.18 23.02
N LYS A 405 -7.81 28.24 24.28
CA LYS A 405 -7.59 27.11 25.18
C LYS A 405 -8.33 25.88 24.70
N LEU A 406 -9.58 26.05 24.28
CA LEU A 406 -10.35 24.90 23.82
C LEU A 406 -9.74 24.30 22.57
N LEU A 407 -9.24 25.14 21.67
CA LEU A 407 -8.57 24.64 20.49
C LEU A 407 -7.29 23.92 20.86
N ARG A 408 -6.53 24.49 21.79
CA ARG A 408 -5.34 23.79 22.25
C ARG A 408 -5.71 22.43 22.85
N ASN A 409 -6.78 22.38 23.65
CA ASN A 409 -7.20 21.11 24.21
C ASN A 409 -7.61 20.13 23.13
N LYS A 410 -8.22 20.63 22.05
CA LYS A 410 -8.59 19.74 20.96
C LYS A 410 -7.34 19.16 20.28
N ALA A 411 -6.26 19.94 20.20
CA ALA A 411 -5.02 19.41 19.61
C ALA A 411 -4.48 18.27 20.45
N VAL A 412 -4.56 18.39 21.79
CA VAL A 412 -4.16 17.30 22.68
C VAL A 412 -4.98 16.05 22.37
N GLN A 413 -6.30 16.20 22.27
CA GLN A 413 -7.17 15.07 21.95
CA GLN A 413 -7.14 15.05 21.98
C GLN A 413 -6.75 14.41 20.65
N LEU A 414 -6.39 15.21 19.64
CA LEU A 414 -5.93 14.60 18.39
C LEU A 414 -4.56 13.96 18.54
N GLU A 415 -3.68 14.54 19.38
CA GLU A 415 -2.41 13.87 19.64
C GLU A 415 -2.64 12.50 20.24
N ASN A 416 -3.58 12.39 21.18
CA ASN A 416 -3.88 11.09 21.76
CA ASN A 416 -3.92 11.10 21.78
C ASN A 416 -4.44 10.14 20.72
N GLU A 417 -5.21 10.65 19.76
CA GLU A 417 -5.74 9.82 18.69
C GLU A 417 -4.61 9.27 17.81
N LEU A 418 -3.64 10.11 17.46
CA LEU A 418 -2.51 9.61 16.67
C LEU A 418 -1.69 8.61 17.46
N GLU A 419 -1.60 8.81 18.78
CA GLU A 419 -0.86 7.88 19.63
C GLU A 419 -1.57 6.52 19.67
N ASN A 420 -2.91 6.51 19.71
CA ASN A 420 -3.61 5.24 19.66
C ASN A 420 -3.45 4.59 18.29
N PHE A 421 -3.49 5.38 17.22
CA PHE A 421 -3.22 4.81 15.90
C PHE A 421 -1.83 4.21 15.87
N THR A 422 -0.85 4.90 16.45
CA THR A 422 0.52 4.42 16.42
C THR A 422 0.65 3.10 17.15
N LYS A 423 0.10 3.01 18.37
CA LYS A 423 0.20 1.78 19.15
C LYS A 423 -0.54 0.62 18.50
N GLN A 424 -1.65 0.90 17.83
CA GLN A 424 -2.44 -0.18 17.22
C GLN A 424 -1.89 -0.63 15.88
N PHE A 425 -1.29 0.27 15.09
CA PHE A 425 -0.92 -0.06 13.73
C PHE A 425 0.56 0.09 13.42
N LEU A 426 1.35 0.77 14.25
CA LEU A 426 2.77 0.99 13.98
C LEU A 426 3.63 0.52 15.15
N PRO A 427 3.54 -0.76 15.51
CA PRO A 427 4.40 -1.25 16.60
C PRO A 427 5.86 -1.24 16.20
N SER A 428 6.72 -1.15 17.21
CA SER A 428 8.16 -1.08 16.99
C SER A 428 8.83 -2.42 17.27
#